data_7T9R
#
_entry.id   7T9R
#
_cell.length_a   27.056
_cell.length_b   33.694
_cell.length_c   36.642
_cell.angle_alpha   90.093
_cell.angle_beta   90.016
_cell.angle_gamma   90.014
#
_symmetry.space_group_name_H-M   'P 1'
#
loop_
_entity.id
_entity.type
_entity.pdbx_description
1 polymer CpoBD13
2 non-polymer 1,2-ETHANEDIOL
3 non-polymer '(R)-2-(FORMYLOXY)-3-(PHOSPHONOOXY)PROPYL PENTANOATE'
4 non-polymer 'PHOSPHATE ION'
5 water water
#
_entity_poly.entity_id   1
_entity_poly.type   'polypeptide(L)'
_entity_poly.pdbx_seq_one_letter_code
;SYYSTLQCRNNHGHCRRLCFHGEQWIGNCNGRHQHCCK
;
_entity_poly.pdbx_strand_id   A,B,C,D
#
loop_
_chem_comp.id
_chem_comp.type
_chem_comp.name
_chem_comp.formula
EDO non-polymer 1,2-ETHANEDIOL 'C2 H6 O2'
PA6 non-polymer '(R)-2-(FORMYLOXY)-3-(PHOSPHONOOXY)PROPYL PENTANOATE' 'C9 H17 O8 P'
PO4 non-polymer 'PHOSPHATE ION' 'O4 P -3'
#
# COMPACT_ATOMS: atom_id res chain seq x y z
N SER A 1 8.37 -14.32 -18.09
CA SER A 1 9.76 -14.16 -17.59
C SER A 1 10.23 -12.71 -17.53
N TYR A 2 9.41 -11.80 -18.08
CA TYR A 2 9.74 -10.37 -18.10
C TYR A 2 8.65 -9.45 -17.60
N TYR A 3 7.38 -9.91 -17.55
CA TYR A 3 6.28 -8.97 -17.35
C TYR A 3 6.24 -8.41 -15.92
N SER A 4 6.65 -9.20 -14.92
CA SER A 4 6.65 -8.69 -13.55
C SER A 4 7.70 -7.60 -13.39
N THR A 5 8.91 -7.84 -13.94
CA THR A 5 9.93 -6.80 -13.97
C THR A 5 9.41 -5.56 -14.69
N LEU A 6 8.81 -5.74 -15.87
CA LEU A 6 8.31 -4.59 -16.61
C LEU A 6 7.22 -3.86 -15.84
N GLN A 7 6.31 -4.61 -15.24
CA GLN A 7 5.24 -3.94 -14.49
C GLN A 7 5.81 -3.16 -13.32
N CYS A 8 6.79 -3.74 -12.63
CA CYS A 8 7.46 -3.01 -11.57
C CYS A 8 8.05 -1.70 -12.08
N ARG A 9 8.87 -1.80 -13.15
CA ARG A 9 9.56 -0.61 -13.65
C ARG A 9 8.60 0.39 -14.26
N ASN A 10 7.46 -0.06 -14.78
CA ASN A 10 6.48 0.85 -15.34
C ASN A 10 5.68 1.58 -14.28
N ASN A 11 5.79 1.19 -13.03
CA ASN A 11 5.02 1.78 -11.94
C ASN A 11 5.97 2.35 -10.89
N HIS A 12 7.06 2.95 -11.35
CA HIS A 12 8.00 3.72 -10.55
C HIS A 12 8.89 2.87 -9.67
N GLY A 13 8.93 1.56 -9.89
CA GLY A 13 9.69 0.67 -9.06
C GLY A 13 11.03 0.29 -9.66
N HIS A 14 11.88 -0.27 -8.80
CA HIS A 14 13.15 -0.86 -9.21
C HIS A 14 13.27 -2.22 -8.57
N CYS A 15 13.81 -3.16 -9.33
CA CYS A 15 14.00 -4.52 -8.85
C CYS A 15 15.32 -4.58 -8.07
N ARG A 16 15.22 -4.97 -6.81
CA ARG A 16 16.37 -5.12 -5.94
C ARG A 16 16.17 -6.33 -5.06
N ARG A 17 17.27 -6.83 -4.50
CA ARG A 17 17.14 -7.85 -3.46
C ARG A 17 16.76 -7.23 -2.12
N LEU A 18 17.23 -6.03 -1.82
CA LEU A 18 16.87 -5.32 -0.60
C LEU A 18 16.47 -3.90 -0.99
N CYS A 19 15.26 -3.50 -0.65
CA CYS A 19 14.82 -2.16 -0.98
C CYS A 19 15.67 -1.13 -0.26
N PHE A 20 15.81 0.03 -0.88
CA PHE A 20 16.56 1.12 -0.25
C PHE A 20 15.73 1.73 0.88
N HIS A 21 16.40 2.52 1.71
CA HIS A 21 15.70 3.21 2.77
C HIS A 21 14.53 4.00 2.21
N GLY A 22 13.36 3.84 2.83
CA GLY A 22 12.18 4.58 2.43
C GLY A 22 11.39 3.99 1.28
N GLU A 23 11.90 2.95 0.63
CA GLU A 23 11.17 2.31 -0.45
C GLU A 23 10.23 1.25 0.10
N GLN A 24 9.12 1.05 -0.60
CA GLN A 24 8.14 0.03 -0.25
C GLN A 24 8.27 -1.16 -1.18
N TRP A 25 8.18 -2.35 -0.59
CA TRP A 25 8.19 -3.61 -1.34
C TRP A 25 6.76 -3.88 -1.76
N ILE A 26 6.45 -3.60 -3.03
CA ILE A 26 5.08 -3.58 -3.53
C ILE A 26 4.74 -4.79 -4.39
N GLY A 27 5.72 -5.65 -4.67
CA GLY A 27 5.54 -6.79 -5.54
C GLY A 27 6.90 -7.40 -5.79
N ASN A 28 6.92 -8.42 -6.63
CA ASN A 28 8.18 -9.01 -7.05
C ASN A 28 8.41 -8.76 -8.53
N CYS A 29 9.69 -8.74 -8.90
CA CYS A 29 10.11 -8.77 -10.28
C CYS A 29 10.34 -10.22 -10.68
N ASN A 30 10.68 -10.42 -11.93
CA ASN A 30 11.06 -11.74 -12.40
C ASN A 30 12.42 -12.11 -11.84
N GLY A 31 12.64 -13.42 -11.70
CA GLY A 31 13.90 -13.90 -11.17
C GLY A 31 13.86 -14.06 -9.66
N ARG A 32 14.81 -14.85 -9.17
CA ARG A 32 14.75 -15.27 -7.78
C ARG A 32 15.11 -14.12 -6.85
N HIS A 33 14.26 -13.92 -5.84
CA HIS A 33 14.49 -12.92 -4.79
C HIS A 33 14.69 -11.52 -5.37
N GLN A 34 14.06 -11.23 -6.50
CA GLN A 34 14.10 -9.90 -7.11
C GLN A 34 12.80 -9.20 -6.74
N HIS A 35 12.90 -8.16 -5.93
CA HIS A 35 11.75 -7.52 -5.31
C HIS A 35 11.49 -6.16 -5.92
N CYS A 36 10.23 -5.83 -6.11
CA CYS A 36 9.86 -4.53 -6.66
C CYS A 36 9.82 -3.51 -5.53
N CYS A 37 10.70 -2.53 -5.59
CA CYS A 37 10.87 -1.53 -4.55
C CYS A 37 10.51 -0.17 -5.12
N LYS A 38 9.54 0.49 -4.51
CA LYS A 38 9.05 1.76 -5.03
C LYS A 38 9.34 2.86 -4.03
N SER B 1 -6.15 -14.49 17.42
CA SER B 1 -4.93 -15.30 17.60
C SER B 1 -3.82 -14.86 16.65
N TYR B 2 -2.61 -15.34 16.96
CA TYR B 2 -1.39 -14.80 16.39
C TYR B 2 -0.43 -15.88 15.93
N TYR B 3 -0.63 -17.13 16.31
CA TYR B 3 0.40 -18.14 16.11
C TYR B 3 0.62 -18.46 14.65
N SER B 4 -0.43 -18.43 13.83
CA SER B 4 -0.28 -18.76 12.42
C SER B 4 0.47 -17.66 11.68
N THR B 5 0.13 -16.41 11.97
CA THR B 5 0.91 -15.29 11.46
C THR B 5 2.37 -15.41 11.90
N LEU B 6 2.60 -15.68 13.18
CA LEU B 6 3.97 -15.78 13.67
C LEU B 6 4.72 -16.93 13.03
N GLN B 7 4.08 -18.09 12.91
CA GLN B 7 4.73 -19.21 12.26
C GLN B 7 5.10 -18.86 10.83
N CYS B 8 4.19 -18.19 10.12
CA CYS B 8 4.49 -17.77 8.76
C CYS B 8 5.74 -16.90 8.72
N ARG B 9 5.75 -15.84 9.51
CA ARG B 9 6.84 -14.87 9.46
C ARG B 9 8.14 -15.45 10.01
N ASN B 10 8.06 -16.42 10.91
CA ASN B 10 9.27 -17.06 11.39
C ASN B 10 9.89 -17.99 10.36
N ASN B 11 9.17 -18.30 9.29
CA ASN B 11 9.62 -19.23 8.27
C ASN B 11 9.74 -18.53 6.93
N HIS B 12 10.31 -17.32 6.98
CA HIS B 12 10.56 -16.46 5.83
C HIS B 12 9.30 -16.08 5.06
N GLY B 13 8.12 -16.24 5.66
CA GLY B 13 6.90 -15.90 4.95
C GLY B 13 6.42 -14.50 5.23
N HIS B 14 5.53 -14.01 4.36
CA HIS B 14 4.82 -12.76 4.56
C HIS B 14 3.34 -13.01 4.35
N CYS B 15 2.51 -12.37 5.18
CA CYS B 15 1.07 -12.53 5.13
C CYS B 15 0.51 -11.54 4.11
N ARG B 16 -0.17 -12.06 3.10
CA ARG B 16 -0.71 -11.25 2.02
C ARG B 16 -2.06 -11.81 1.61
N ARG B 17 -2.87 -10.98 0.95
CA ARG B 17 -4.07 -11.52 0.33
C ARG B 17 -3.76 -12.20 -1.00
N LEU B 18 -2.76 -11.70 -1.73
CA LEU B 18 -2.30 -12.32 -2.97
CA LEU B 18 -2.31 -12.31 -2.97
C LEU B 18 -0.78 -12.38 -2.93
N CYS B 19 -0.23 -13.56 -3.11
CA CYS B 19 1.22 -13.69 -3.07
C CYS B 19 1.85 -12.93 -4.23
N PHE B 20 3.07 -12.45 -4.01
CA PHE B 20 3.81 -11.81 -5.07
C PHE B 20 4.28 -12.85 -6.09
N HIS B 21 4.68 -12.37 -7.27
CA HIS B 21 5.23 -13.26 -8.29
C HIS B 21 6.37 -14.06 -7.69
N GLY B 22 6.37 -15.37 -7.95
CA GLY B 22 7.43 -16.25 -7.50
C GLY B 22 7.30 -16.72 -6.07
N GLU B 23 6.37 -16.18 -5.29
CA GLU B 23 6.16 -16.65 -3.93
C GLU B 23 5.21 -17.85 -3.94
N GLN B 24 5.40 -18.73 -2.97
CA GLN B 24 4.55 -19.90 -2.80
C GLN B 24 3.61 -19.70 -1.63
N TRP B 25 2.35 -20.09 -1.82
CA TRP B 25 1.34 -20.04 -0.77
C TRP B 25 1.49 -21.34 0.05
N ILE B 26 2.09 -21.21 1.25
CA ILE B 26 2.52 -22.35 2.04
C ILE B 26 1.64 -22.63 3.25
N GLY B 27 0.69 -21.73 3.54
CA GLY B 27 -0.19 -21.88 4.66
C GLY B 27 -0.99 -20.59 4.76
N ASN B 28 -1.71 -20.43 5.86
CA ASN B 28 -2.41 -19.18 6.10
C ASN B 28 -1.92 -18.51 7.37
N CYS B 29 -2.06 -17.19 7.39
CA CYS B 29 -1.88 -16.40 8.59
C CYS B 29 -3.22 -16.29 9.31
N ASN B 30 -3.17 -15.70 10.50
CA ASN B 30 -4.39 -15.39 11.21
C ASN B 30 -5.14 -14.30 10.45
N GLY B 31 -6.46 -14.28 10.63
CA GLY B 31 -7.30 -13.33 9.94
C GLY B 31 -7.98 -13.94 8.73
N ARG B 32 -8.85 -13.15 8.13
CA ARG B 32 -9.63 -13.62 6.99
C ARG B 32 -8.83 -13.42 5.71
N HIS B 33 -8.69 -14.50 4.93
CA HIS B 33 -8.03 -14.48 3.63
C HIS B 33 -6.61 -13.91 3.69
N GLN B 34 -5.92 -14.08 4.82
CA GLN B 34 -4.52 -13.71 4.94
C GLN B 34 -3.67 -14.96 4.71
N HIS B 35 -2.87 -14.94 3.65
CA HIS B 35 -2.16 -16.12 3.18
C HIS B 35 -0.67 -16.00 3.43
N CYS B 36 -0.06 -17.12 3.82
CA CYS B 36 1.38 -17.15 4.05
C CYS B 36 2.08 -17.34 2.71
N CYS B 37 2.82 -16.32 2.29
CA CYS B 37 3.50 -16.32 0.99
C CYS B 37 5.00 -16.33 1.23
N LYS B 38 5.68 -17.33 0.70
CA LYS B 38 7.10 -17.43 0.92
C LYS B 38 7.87 -17.33 -0.39
N SER C 1 -2.89 1.08 -13.42
CA SER C 1 -2.00 0.30 -12.51
C SER C 1 -2.74 -0.38 -11.36
N TYR C 2 -2.01 -1.19 -10.59
CA TYR C 2 -2.61 -2.16 -9.68
C TYR C 2 -1.96 -2.21 -8.30
N TYR C 3 -0.75 -1.65 -8.11
CA TYR C 3 0.00 -1.93 -6.88
C TYR C 3 -0.63 -1.28 -5.66
N SER C 4 -1.30 -0.14 -5.82
CA SER C 4 -1.92 0.50 -4.66
C SER C 4 -3.12 -0.31 -4.17
N THR C 5 -3.96 -0.75 -5.10
CA THR C 5 -5.05 -1.65 -4.75
C THR C 5 -4.50 -2.91 -4.07
N LEU C 6 -3.44 -3.50 -4.66
CA LEU C 6 -2.89 -4.72 -4.09
C LEU C 6 -2.34 -4.51 -2.69
N GLN C 7 -1.62 -3.41 -2.48
CA GLN C 7 -1.09 -3.13 -1.16
C GLN C 7 -2.22 -2.93 -0.15
N CYS C 8 -3.26 -2.22 -0.56
CA CYS C 8 -4.43 -2.06 0.29
C CYS C 8 -4.98 -3.41 0.73
N ARG C 9 -5.28 -4.26 -0.25
CA ARG C 9 -5.92 -5.54 0.04
C ARG C 9 -4.99 -6.49 0.77
N ASN C 10 -3.68 -6.36 0.57
CA ASN C 10 -2.75 -7.22 1.29
C ASN C 10 -2.61 -6.84 2.75
N ASN C 11 -3.13 -5.68 3.14
CA ASN C 11 -3.03 -5.15 4.49
C ASN C 11 -4.40 -5.01 5.12
N HIS C 12 -5.24 -6.01 4.87
CA HIS C 12 -6.60 -6.12 5.40
C HIS C 12 -7.51 -4.98 4.94
N GLY C 13 -7.14 -4.24 3.90
CA GLY C 13 -7.98 -3.13 3.46
C GLY C 13 -8.95 -3.54 2.37
N HIS C 14 -9.96 -2.68 2.16
CA HIS C 14 -10.87 -2.80 1.04
C HIS C 14 -10.98 -1.46 0.35
N CYS C 15 -11.05 -1.50 -0.98
CA CYS C 15 -11.11 -0.30 -1.78
C CYS C 15 -12.57 0.11 -1.92
N ARG C 16 -12.91 1.29 -1.41
CA ARG C 16 -14.27 1.79 -1.45
C ARG C 16 -14.23 3.29 -1.75
N ARG C 17 -15.35 3.82 -2.24
CA ARG C 17 -15.47 5.26 -2.34
C ARG C 17 -15.71 5.89 -0.97
N LEU C 18 -16.50 5.23 -0.12
CA LEU C 18 -16.77 5.69 1.22
CA LEU C 18 -16.77 5.69 1.22
C LEU C 18 -16.49 4.53 2.17
N CYS C 19 -15.63 4.75 3.15
CA CYS C 19 -15.34 3.69 4.10
C CYS C 19 -16.58 3.36 4.92
N PHE C 20 -16.67 2.09 5.34
CA PHE C 20 -17.78 1.70 6.19
C PHE C 20 -17.57 2.22 7.61
N HIS C 21 -18.62 2.19 8.41
CA HIS C 21 -18.51 2.61 9.79
C HIS C 21 -17.37 1.88 10.49
N GLY C 22 -16.53 2.64 11.20
CA GLY C 22 -15.43 2.09 11.96
C GLY C 22 -14.19 1.78 11.17
N GLU C 23 -14.23 1.90 9.84
CA GLU C 23 -13.04 1.70 9.02
C GLU C 23 -12.20 2.97 8.98
N GLN C 24 -10.89 2.78 8.85
CA GLN C 24 -9.95 3.89 8.71
C GLN C 24 -9.53 4.02 7.26
N TRP C 25 -9.49 5.26 6.78
CA TRP C 25 -9.00 5.57 5.45
C TRP C 25 -7.48 5.69 5.57
N ILE C 26 -6.78 4.64 5.16
CA ILE C 26 -5.33 4.51 5.42
C ILE C 26 -4.48 4.78 4.19
N GLY C 27 -5.09 4.93 3.03
CA GLY C 27 -4.37 5.19 1.80
C GLY C 27 -5.37 5.17 0.67
N ASN C 28 -4.87 5.23 -0.56
CA ASN C 28 -5.74 5.10 -1.72
C ASN C 28 -5.38 3.86 -2.52
N CYS C 29 -6.41 3.30 -3.15
CA CYS C 29 -6.23 2.26 -4.14
C CYS C 29 -6.01 2.91 -5.50
N ASN C 30 -5.79 2.09 -6.51
CA ASN C 30 -5.73 2.58 -7.87
C ASN C 30 -7.12 2.97 -8.34
N GLY C 31 -7.17 3.90 -9.29
CA GLY C 31 -8.42 4.43 -9.80
C GLY C 31 -8.68 5.81 -9.23
N ARG C 32 -9.83 6.35 -9.62
CA ARG C 32 -10.22 7.68 -9.14
C ARG C 32 -11.12 7.52 -7.93
N HIS C 33 -10.76 8.19 -6.84
CA HIS C 33 -11.58 8.23 -5.63
C HIS C 33 -11.80 6.83 -5.05
N GLN C 34 -10.87 5.93 -5.25
CA GLN C 34 -10.91 4.61 -4.66
C GLN C 34 -10.01 4.62 -3.43
N HIS C 35 -10.62 4.54 -2.25
CA HIS C 35 -9.91 4.74 -0.99
C HIS C 35 -9.70 3.42 -0.28
N CYS C 36 -8.54 3.29 0.36
CA CYS C 36 -8.21 2.10 1.12
C CYS C 36 -8.79 2.24 2.52
N CYS C 37 -9.76 1.39 2.83
CA CYS C 37 -10.50 1.43 4.08
C CYS C 37 -10.20 0.16 4.84
N LYS C 38 -9.71 0.30 6.06
CA LYS C 38 -9.30 -0.87 6.81
C LYS C 38 -10.09 -0.94 8.09
N SER D 1 -1.23 28.93 13.97
CA SER D 1 -2.30 29.38 13.03
C SER D 1 -3.09 28.21 12.44
N TYR D 2 -4.22 28.53 11.82
CA TYR D 2 -5.18 27.54 11.38
C TYR D 2 -5.72 27.77 9.98
N TYR D 3 -5.45 28.92 9.36
CA TYR D 3 -6.16 29.24 8.13
C TYR D 3 -5.69 28.38 6.96
N SER D 4 -4.44 27.93 6.95
CA SER D 4 -3.97 27.11 5.84
C SER D 4 -4.60 25.72 5.90
N THR D 5 -4.63 25.11 7.09
CA THR D 5 -5.36 23.87 7.29
C THR D 5 -6.82 24.05 6.89
N LEU D 6 -7.44 25.14 7.35
CA LEU D 6 -8.85 25.34 7.07
C LEU D 6 -9.11 25.50 5.57
N GLN D 7 -8.24 26.23 4.89
CA GLN D 7 -8.42 26.40 3.45
C GLN D 7 -8.22 25.08 2.72
N CYS D 8 -7.22 24.29 3.13
CA CYS D 8 -7.02 22.97 2.55
C CYS D 8 -8.29 22.13 2.67
N ARG D 9 -8.82 22.02 3.89
CA ARG D 9 -9.96 21.15 4.12
C ARG D 9 -11.24 21.68 3.49
N ASN D 10 -11.36 22.99 3.37
CA ASN D 10 -12.53 23.56 2.71
C ASN D 10 -12.51 23.36 1.20
N ASN D 11 -11.39 22.92 0.65
CA ASN D 11 -11.26 22.70 -0.78
C ASN D 11 -10.96 21.24 -1.08
N HIS D 12 -11.60 20.38 -0.29
CA HIS D 12 -11.56 18.93 -0.50
C HIS D 12 -10.15 18.39 -0.35
N GLY D 13 -9.35 19.02 0.49
CA GLY D 13 -8.01 18.56 0.79
C GLY D 13 -7.94 17.86 2.13
N HIS D 14 -6.90 17.08 2.31
CA HIS D 14 -6.54 16.57 3.63
C HIS D 14 -5.08 16.84 3.89
N CYS D 15 -4.79 17.18 5.13
CA CYS D 15 -3.44 17.50 5.55
C CYS D 15 -2.72 16.20 5.89
N ARG D 16 -1.65 15.91 5.16
CA ARG D 16 -0.87 14.72 5.39
C ARG D 16 0.61 15.07 5.25
N ARG D 17 1.45 14.20 5.81
CA ARG D 17 2.88 14.31 5.53
C ARG D 17 3.20 13.77 4.14
N LEU D 18 2.48 12.74 3.70
CA LEU D 18 2.67 12.15 2.38
C LEU D 18 1.30 11.92 1.78
N CYS D 19 1.07 12.50 0.61
CA CYS D 19 -0.23 12.35 -0.04
C CYS D 19 -0.44 10.88 -0.41
N PHE D 20 -1.72 10.49 -0.42
CA PHE D 20 -2.07 9.15 -0.85
C PHE D 20 -1.94 9.04 -2.37
N HIS D 21 -1.93 7.80 -2.85
CA HIS D 21 -1.88 7.57 -4.29
C HIS D 21 -2.99 8.36 -4.99
N GLY D 22 -2.63 9.04 -6.08
CA GLY D 22 -3.56 9.78 -6.88
C GLY D 22 -3.94 11.15 -6.35
N GLU D 23 -3.50 11.50 -5.14
CA GLU D 23 -3.74 12.83 -4.61
C GLU D 23 -2.67 13.80 -5.09
N GLN D 24 -3.07 15.05 -5.24
CA GLN D 24 -2.17 16.12 -5.64
C GLN D 24 -1.84 16.99 -4.45
N TRP D 25 -0.58 17.39 -4.35
CA TRP D 25 -0.09 18.30 -3.31
C TRP D 25 -0.31 19.72 -3.82
N ILE D 26 -1.35 20.38 -3.31
CA ILE D 26 -1.84 21.65 -3.86
C ILE D 26 -1.47 22.84 -3.01
N GLY D 27 -0.87 22.60 -1.85
CA GLY D 27 -0.51 23.65 -0.92
C GLY D 27 -0.06 23.00 0.37
N ASN D 28 0.15 23.82 1.39
CA ASN D 28 0.47 23.28 2.70
C ASN D 28 -0.58 23.66 3.74
N CYS D 29 -0.72 22.79 4.73
CA CYS D 29 -1.51 23.09 5.90
C CYS D 29 -0.63 23.80 6.93
N ASN D 30 -1.22 24.18 8.04
CA ASN D 30 -0.43 24.71 9.12
C ASN D 30 0.35 23.59 9.79
N GLY D 31 1.44 23.96 10.42
CA GLY D 31 2.32 22.99 11.05
C GLY D 31 3.58 22.78 10.22
N ARG D 32 4.37 21.83 10.70
CA ARG D 32 5.62 21.47 10.05
C ARG D 32 5.37 20.29 9.12
N HIS D 33 5.73 20.45 7.86
CA HIS D 33 5.65 19.37 6.88
C HIS D 33 4.23 18.81 6.75
N GLN D 34 3.23 19.65 6.95
CA GLN D 34 1.84 19.23 6.77
C GLN D 34 1.39 19.73 5.40
N HIS D 35 1.10 18.78 4.50
CA HIS D 35 0.86 19.10 3.10
C HIS D 35 -0.60 18.93 2.76
N CYS D 36 -1.12 19.85 1.94
CA CYS D 36 -2.50 19.75 1.50
C CYS D 36 -2.59 18.80 0.31
N CYS D 37 -3.28 17.69 0.51
CA CYS D 37 -3.38 16.63 -0.48
C CYS D 37 -4.82 16.52 -0.94
N LYS D 38 -5.04 16.66 -2.23
CA LYS D 38 -6.40 16.66 -2.74
C LYS D 38 -6.62 15.51 -3.71
C1 EDO E . 5.72 -12.69 -14.69
O1 EDO E . 5.37 -14.01 -15.12
C2 EDO E . 6.39 -12.04 -15.87
O2 EDO E . 6.18 -12.86 -17.03
H11 EDO E . 6.40 -12.73 -13.84
H12 EDO E . 4.84 -12.13 -14.39
HO1 EDO E . 4.81 -14.43 -14.46
H21 EDO E . 7.46 -11.93 -15.67
H22 EDO E . 5.98 -11.05 -16.04
HO2 EDO E . 6.50 -12.39 -17.81
O32 PA6 F . 9.59 -12.93 -2.18
C31 PA6 F . 10.29 -13.63 -1.48
C32 PA6 F . 11.16 -14.68 -2.15
C33 PA6 F . 11.60 -15.71 -1.12
C34 PA6 F . 11.68 -17.15 -1.61
C35 PA6 F . 12.02 -18.08 -0.45
O31 PA6 F . 10.13 -13.41 -0.08
C3 PA6 F . 11.19 -13.47 0.85
C2 PA6 F . 12.23 -12.34 0.78
O21 PA6 F . 12.80 -12.08 2.04
C21 PA6 F . 12.61 -10.80 2.57
O22 PA6 F . 12.83 -10.60 3.72
C1 PA6 F . 13.32 -12.86 -0.14
O11 PA6 F . 14.22 -11.83 -0.43
P PA6 F . 15.64 -11.74 0.39
O13 PA6 F . 16.35 -10.47 0.02
O14 PA6 F . 16.49 -12.95 0.04
O12 PA6 F . 15.34 -11.74 1.87
H321 PA6 F . 10.64 -15.12 -2.85
H322 PA6 F . 11.94 -14.25 -2.53
H331 PA6 F . 10.97 -15.69 -0.37
H332 PA6 F . 12.48 -15.46 -0.80
H341 PA6 F . 10.81 -17.41 -1.99
H342 PA6 F . 12.36 -17.22 -2.30
H351 PA6 F . 11.46 -17.87 0.32
H352 PA6 F . 12.95 -17.98 -0.21
H353 PA6 F . 11.87 -19.01 -0.72
H31 PA6 F . 11.66 -14.30 0.70
H32 PA6 F . 10.80 -13.46 1.74
H2 PA6 F . 11.81 -11.51 0.48
H21 PA6 F . 12.31 -10.10 2.02
H11 PA6 F . 13.80 -13.58 0.30
H12 PA6 F . 12.92 -13.18 -0.96
O32 PA6 G . 15.94 -18.07 -18.58
C31 PA6 G . 15.09 -17.26 -18.43
C32 PA6 G . 15.34 -15.80 -18.78
C33 PA6 G . 16.74 -15.33 -18.40
C34 PA6 G . 16.88 -15.20 -16.88
C35 PA6 G . 18.35 -15.03 -16.54
O31 PA6 G . 13.82 -17.61 -17.96
C3 PA6 G . 13.68 -18.06 -16.63
C2 PA6 G . 13.07 -17.04 -15.66
O21 PA6 G . 13.67 -15.80 -15.87
C21 PA6 G . 14.29 -15.26 -14.74
O22 PA6 G . 15.28 -15.76 -14.33
C1 PA6 G . 11.55 -16.91 -15.80
O11 PA6 G . 11.01 -15.82 -15.06
P PA6 G . 10.69 -16.10 -13.48
O13 PA6 G . 9.65 -17.19 -13.35
O14 PA6 G . 12.01 -16.59 -12.95
O12 PA6 G . 10.26 -14.91 -12.66
H321 PA6 G . 15.22 -15.68 -19.74
H322 PA6 G . 14.68 -15.25 -18.31
H331 PA6 G . 16.90 -14.47 -18.82
H332 PA6 G . 17.38 -15.98 -18.73
H341 PA6 G . 16.37 -14.43 -16.58
H342 PA6 G . 16.53 -16.00 -16.46
H351 PA6 G . 18.85 -15.80 -16.88
H352 PA6 G . 18.46 -14.98 -15.58
H353 PA6 G . 18.68 -14.22 -16.95
H31 PA6 G . 14.56 -18.29 -16.31
H32 PA6 G . 13.12 -18.85 -16.64
H2 PA6 G . 13.24 -17.35 -14.76
H21 PA6 G . 13.92 -14.51 -14.31
H11 PA6 G . 11.33 -16.78 -16.74
H12 PA6 G . 11.13 -17.72 -15.49
P PO4 H . 12.48 6.10 -4.46
O1 PO4 H . 13.76 5.45 -3.97
O2 PO4 H . 12.54 7.60 -4.36
O3 PO4 H . 11.33 5.67 -3.59
O4 PO4 H . 12.25 5.73 -5.89
P PO4 I . 8.06 16.48 -12.40
O1 PO4 I . 7.94 15.39 -11.36
O2 PO4 I . 8.03 15.86 -13.78
O3 PO4 I . 9.35 17.24 -12.21
O4 PO4 I . 6.91 17.44 -12.24
P PO4 J . 13.85 10.51 -21.42
O1 PO4 J . 13.51 9.53 -20.33
O2 PO4 J . 14.70 9.85 -22.47
O3 PO4 J . 14.62 11.62 -20.76
O4 PO4 J . 12.59 11.03 -22.07
O32 PA6 K . -7.77 -11.34 18.75
C31 PA6 K . -8.45 -10.91 17.88
C32 PA6 K . -9.91 -10.56 18.16
C33 PA6 K . -10.29 -9.21 17.60
C34 PA6 K . -9.57 -8.12 18.39
C35 PA6 K . -8.71 -7.28 17.43
O31 PA6 K . -7.89 -10.71 16.62
C3 PA6 K . -8.50 -11.44 15.59
C2 PA6 K . -8.38 -12.95 15.73
O21 PA6 K . -9.53 -13.41 16.36
C21 PA6 K . -9.25 -14.29 17.42
O22 PA6 K . -9.94 -14.32 18.39
C1 PA6 K . -8.15 -13.51 14.31
O11 PA6 K . -7.35 -14.66 14.37
P PA6 K . -8.02 -16.00 13.68
O13 PA6 K . -9.44 -15.68 13.26
O14 PA6 K . -8.03 -17.11 14.69
O12 PA6 K . -7.26 -16.45 12.45
H321 PA6 K . -10.48 -11.24 17.75
H322 PA6 K . -10.05 -10.57 19.11
H331 PA6 K . -11.25 -9.08 17.67
H332 PA6 K . -10.03 -9.16 16.66
H341 PA6 K . -10.22 -7.54 18.82
H342 PA6 K . -9.00 -8.53 19.06
H351 PA6 K . -8.01 -7.83 17.05
H352 PA6 K . -8.32 -6.53 17.92
H353 PA6 K . -9.28 -6.93 16.72
H31 PA6 K . -8.10 -11.18 14.75
H32 PA6 K . -9.44 -11.22 15.59
H2 PA6 K . -7.63 -13.25 16.27
H21 PA6 K . -8.52 -14.86 17.35
H11 PA6 K . -9.00 -13.73 13.91
H12 PA6 K . -7.70 -12.84 13.77
O32 PA6 L . 3.31 5.31 -9.98
C31 PA6 L . 2.13 5.43 -9.92
C32 PA6 L . 1.40 4.59 -8.88
C33 PA6 L . 0.69 3.42 -9.54
C34 PA6 L . 0.94 2.15 -8.73
C35 PA6 L . 0.19 2.25 -7.41
O31 PA6 L . 1.50 6.34 -10.79
C3 PA6 L . 0.10 6.35 -10.87
C2 PA6 L . -0.41 6.09 -12.28
O21 PA6 L . 0.65 5.64 -13.08
C21 PA6 L . 1.16 4.36 -12.81
O22 PA6 L . 2.27 4.24 -12.42
C1 PA6 L . -1.59 5.11 -12.22
O11 PA6 L . -2.77 5.78 -11.83
P PA6 L . -4.07 4.83 -11.43
O13 PA6 L . -4.51 5.08 -10.01
O14 PA6 L . -3.61 3.40 -11.59
O12 PA6 L . -5.23 5.08 -12.36
H321 PA6 L . 2.03 4.26 -8.23
H322 PA6 L . 0.74 5.16 -8.43
H331 PA6 L . -0.27 3.59 -9.58
H332 PA6 L . 1.03 3.29 -10.44
H341 PA6 L . 1.88 2.05 -8.57
H342 PA6 L . 0.62 1.37 -9.23
H351 PA6 L . 0.62 1.68 -6.76
H352 PA6 L . -0.73 1.96 -7.54
H353 PA6 L . 0.21 3.17 -7.10
H31 PA6 L . -0.22 7.21 -10.57
H32 PA6 L . -0.24 5.65 -10.28
H2 PA6 L . -0.74 6.90 -12.70
H21 PA6 L . 0.62 3.61 -12.92
H11 PA6 L . -1.72 4.71 -13.10
H12 PA6 L . -1.40 4.40 -11.58
C1 EDO M . -0.91 4.87 -0.56
O1 EDO M . -2.02 5.59 -1.11
C2 EDO M . -0.29 3.93 -1.59
O2 EDO M . -1.00 3.97 -2.83
H11 EDO M . -1.25 4.30 0.30
H12 EDO M . -0.15 5.58 -0.23
HO1 EDO M . -2.38 6.19 -0.45
H21 EDO M . -0.32 2.90 -1.21
H22 EDO M . 0.74 4.20 -1.76
HO2 EDO M . -0.43 3.63 -3.54
P PO4 N . -9.64 -0.22 -7.81
O1 PO4 N . -8.32 -0.74 -8.32
O2 PO4 N . -9.51 0.18 -6.36
O3 PO4 N . -10.69 -1.29 -7.92
O4 PO4 N . -10.05 0.97 -8.64
C1 EDO O . 4.78 15.72 -0.16
O1 EDO O . 5.79 15.00 -0.88
C2 EDO O . 3.42 15.37 -0.75
O2 EDO O . 3.30 13.93 -0.78
H11 EDO O . 4.96 16.80 -0.25
H12 EDO O . 4.81 15.45 0.89
HO1 EDO O . 6.65 15.18 -0.49
H21 EDO O . 3.33 15.77 -1.76
H22 EDO O . 2.63 15.80 -0.14
HO2 EDO O . 2.50 13.69 -1.27
P PO4 P . -9.01 11.81 -2.82
O1 PO4 P . -8.01 10.90 -2.13
O2 PO4 P . -8.34 12.62 -3.91
O3 PO4 P . -9.62 12.72 -1.78
O4 PO4 P . -10.09 11.04 -3.52
#